data_6LP6
#
_entry.id   6LP6
#
_cell.length_a   90.605
_cell.length_b   90.605
_cell.length_c   123.057
_cell.angle_alpha   90.000
_cell.angle_beta   90.000
_cell.angle_gamma   120.000
#
_symmetry.space_group_name_H-M   'P 32 2 1'
#
loop_
_entity.id
_entity.type
_entity.pdbx_description
1 polymer 'Dihydroorotate dehydrogenase (quinone), mitochondrial'
2 non-polymer 'FLAVIN MONONUCLEOTIDE'
3 non-polymer 'OROTIC ACID'
4 non-polymer 'SULFATE ION'
5 non-polymer 'ACETATE ION'
6 non-polymer 'LAURYL DIMETHYLAMINE-N-OXIDE'
7 non-polymer 3-[3,5-bis(fluoranyl)-4-[2-fluoranyl-5-(hydroxymethyl)phenyl]phenyl]benzo[f]benzotriazole-4,9-dione
8 non-polymer 'SODIUM ION'
9 water water
#
_entity_poly.entity_id   1
_entity_poly.type   'polypeptide(L)'
_entity_poly.pdbx_seq_one_letter_code
;ATGDERFYAEHLMPTLQGLLDPESAHRLAVRFTSLGLLPRARFQDSDMLEVRVLGHKFRNPVGIAAGFDKHGEAVDGLYK
MGFGFVEIGSVTPKPQEGNPRPRVFRLPEDQAVINRYGFNSHGLSVVEHRLRARQQKQAKLTEDGLPLGVNLGKNKTSVD
AAEDYAEGVRVLGPLADYLVVNVSSPNTAGLRSLQGKAELRRLLTKVLQERDGLRRVHRPAVLVKIAPDLTSQDKEDIAS
VVKELGIDGLIVTNTTVSRPAGLQGALRSETGGLSGKPLRDLSTQTIREMYALTQGRVPIIGVGGVSSGQDALEKIRAGA
SLVQLYTALTFWGPPVVGKVKRELEALLKEQGFGGVTDAIGADHRR
;
_entity_poly.pdbx_strand_id   A
#
loop_
_chem_comp.id
_chem_comp.type
_chem_comp.name
_chem_comp.formula
ACT non-polymer 'ACETATE ION' 'C2 H3 O2 -1'
B6U non-polymer 3-[3,5-bis(fluoranyl)-4-[2-fluoranyl-5-(hydroxymethyl)phenyl]phenyl]benzo[f]benzotriazole-4,9-dione 'C23 H12 F3 N3 O3'
FMN non-polymer 'FLAVIN MONONUCLEOTIDE' 'C17 H21 N4 O9 P'
LDA non-polymer 'LAURYL DIMETHYLAMINE-N-OXIDE' 'C14 H31 N O'
NA non-polymer 'SODIUM ION' 'Na 1'
ORO non-polymer 'OROTIC ACID' 'C5 H4 N2 O4'
SO4 non-polymer 'SULFATE ION' 'O4 S -2'
#
# COMPACT_ATOMS: atom_id res chain seq x y z
N ALA A 1 4.67 24.57 6.60
CA ALA A 1 4.48 23.60 5.51
C ALA A 1 5.74 23.46 4.66
N THR A 2 5.93 24.38 3.71
CA THR A 2 7.06 24.29 2.80
C THR A 2 8.37 24.45 3.58
N GLY A 3 8.29 25.05 4.77
CA GLY A 3 9.45 25.19 5.63
C GLY A 3 9.96 23.85 6.17
N ASP A 4 9.07 23.08 6.79
CA ASP A 4 9.42 21.74 7.24
C ASP A 4 9.82 20.85 6.06
N GLU A 5 9.11 20.98 4.94
CA GLU A 5 9.37 20.13 3.78
C GLU A 5 10.82 20.24 3.32
N ARG A 6 11.28 21.48 3.15
CA ARG A 6 12.65 21.72 2.71
C ARG A 6 13.68 21.33 3.77
N PHE A 7 13.35 21.53 5.05
CA PHE A 7 14.28 21.17 6.10
C PHE A 7 14.49 19.66 6.19
N TYR A 8 13.40 18.90 6.09
CA TYR A 8 13.49 17.45 6.12
C TYR A 8 14.24 16.93 4.90
N ALA A 9 13.92 17.48 3.75
CA ALA A 9 14.39 16.95 2.48
C ALA A 9 15.87 17.24 2.26
N GLU A 10 16.32 18.43 2.67
CA GLU A 10 17.68 18.87 2.38
C GLU A 10 18.66 18.60 3.51
N HIS A 11 18.17 18.53 4.73
CA HIS A 11 19.04 18.45 5.90
C HIS A 11 18.78 17.22 6.77
N LEU A 12 17.60 17.12 7.36
CA LEU A 12 17.34 16.11 8.38
C LEU A 12 17.38 14.68 7.83
N MET A 13 16.74 14.44 6.70
CA MET A 13 16.67 13.07 6.19
C MET A 13 18.05 12.62 5.66
N PRO A 14 18.74 13.45 4.88
CA PRO A 14 20.09 13.05 4.46
C PRO A 14 21.02 12.74 5.65
N THR A 15 20.80 13.42 6.77
CA THR A 15 21.59 13.22 7.97
C THR A 15 21.25 11.90 8.66
N LEU A 16 19.96 11.66 8.88
CA LEU A 16 19.51 10.38 9.44
C LEU A 16 20.06 9.22 8.62
N GLN A 17 20.00 9.37 7.31
CA GLN A 17 20.44 8.31 6.41
C GLN A 17 21.96 8.10 6.50
N GLY A 18 22.68 9.18 6.79
CA GLY A 18 24.12 9.08 6.97
C GLY A 18 24.50 8.34 8.24
N LEU A 19 23.63 8.38 9.24
CA LEU A 19 23.91 7.77 10.53
C LEU A 19 23.39 6.33 10.65
N LEU A 20 22.30 6.04 9.96
CA LEU A 20 21.56 4.80 10.17
C LEU A 20 21.41 3.97 8.90
N ASP A 21 21.67 2.68 9.02
CA ASP A 21 21.39 1.75 7.95
C ASP A 21 19.86 1.74 7.73
N PRO A 22 19.41 1.35 6.54
CA PRO A 22 17.98 1.46 6.21
C PRO A 22 17.03 0.73 7.17
N GLU A 23 17.33 -0.50 7.57
CA GLU A 23 16.42 -1.19 8.49
C GLU A 23 16.39 -0.50 9.87
N SER A 24 17.52 -0.03 10.37
CA SER A 24 17.54 0.74 11.61
C SER A 24 16.72 2.00 11.48
N ALA A 25 16.84 2.66 10.33
CA ALA A 25 16.11 3.89 10.09
C ALA A 25 14.60 3.61 10.05
N HIS A 26 14.22 2.51 9.42
CA HIS A 26 12.82 2.09 9.35
C HIS A 26 12.25 1.87 10.77
N ARG A 27 13.00 1.14 11.58
CA ARG A 27 12.58 0.87 12.94
C ARG A 27 12.40 2.16 13.74
N LEU A 28 13.34 3.09 13.58
CA LEU A 28 13.26 4.39 14.25
C LEU A 28 12.05 5.17 13.76
N ALA A 29 11.79 5.11 12.44
CA ALA A 29 10.63 5.77 11.85
C ALA A 29 9.31 5.27 12.47
N VAL A 30 9.20 3.97 12.64
CA VAL A 30 8.00 3.38 13.25
C VAL A 30 7.89 3.82 14.70
N ARG A 31 9.01 3.85 15.41
CA ARG A 31 9.00 4.24 16.80
C ARG A 31 8.58 5.70 16.96
N PHE A 32 9.20 6.61 16.20
CA PHE A 32 8.82 8.03 16.26
C PHE A 32 7.34 8.19 15.95
N THR A 33 6.88 7.49 14.92
CA THR A 33 5.52 7.65 14.46
C THR A 33 4.56 7.15 15.53
N SER A 34 4.84 6.00 16.12
CA SER A 34 3.95 5.43 17.12
C SER A 34 3.84 6.35 18.35
N LEU A 35 4.90 7.12 18.60
CA LEU A 35 4.92 8.07 19.71
C LEU A 35 4.37 9.45 19.33
N GLY A 36 4.00 9.63 18.07
CA GLY A 36 3.46 10.89 17.60
C GLY A 36 4.49 12.01 17.53
N LEU A 37 5.77 11.64 17.44
CA LEU A 37 6.85 12.63 17.38
C LEU A 37 7.02 13.18 15.97
N LEU A 38 6.09 14.03 15.60
CA LEU A 38 6.05 14.62 14.27
C LEU A 38 5.09 15.79 14.34
N PRO A 39 5.29 16.79 13.47
CA PRO A 39 4.36 17.92 13.46
C PRO A 39 2.95 17.50 13.04
N ARG A 40 1.96 17.78 13.89
CA ARG A 40 0.57 17.56 13.52
C ARG A 40 0.27 18.35 12.25
N ALA A 41 0.09 17.63 11.15
CA ALA A 41 0.00 18.22 9.82
C ALA A 41 -0.96 19.41 9.74
N ARG A 42 -0.44 20.54 9.28
CA ARG A 42 -1.21 21.77 9.21
C ARG A 42 -2.20 21.79 8.05
N PHE A 43 -1.99 20.90 7.07
CA PHE A 43 -2.86 20.85 5.90
C PHE A 43 -4.24 20.33 6.26
N GLN A 44 -5.23 21.22 6.21
CA GLN A 44 -6.63 20.84 6.41
C GLN A 44 -7.17 20.24 5.12
N ASP A 45 -7.71 19.03 5.19
CA ASP A 45 -8.19 18.36 3.98
C ASP A 45 -9.42 19.08 3.43
N SER A 46 -9.31 19.54 2.19
CA SER A 46 -10.44 20.16 1.52
C SER A 46 -11.42 19.11 1.02
N ASP A 47 -12.64 19.54 0.74
CA ASP A 47 -13.69 18.65 0.28
C ASP A 47 -13.39 18.02 -1.07
N MET A 48 -12.57 18.64 -1.90
CA MET A 48 -12.37 18.09 -3.23
C MET A 48 -11.40 16.89 -3.17
N LEU A 49 -10.80 16.64 -2.01
CA LEU A 49 -9.94 15.45 -1.84
C LEU A 49 -10.73 14.23 -1.36
N GLU A 50 -11.98 14.43 -0.97
CA GLU A 50 -12.78 13.31 -0.47
C GLU A 50 -13.15 12.31 -1.56
N VAL A 51 -13.07 11.04 -1.20
CA VAL A 51 -13.44 9.93 -2.09
C VAL A 51 -14.32 8.94 -1.37
N ARG A 52 -15.39 8.54 -2.03
CA ARG A 52 -16.26 7.48 -1.53
C ARG A 52 -16.11 6.22 -2.38
N VAL A 53 -15.55 5.19 -1.77
CA VAL A 53 -15.28 3.94 -2.48
C VAL A 53 -15.11 2.81 -1.47
N LEU A 54 -15.24 1.56 -1.94
CA LEU A 54 -15.05 0.38 -1.08
C LEU A 54 -15.98 0.38 0.14
N GLY A 55 -17.10 1.10 0.03
CA GLY A 55 -18.09 1.15 1.09
C GLY A 55 -17.76 2.15 2.18
N HIS A 56 -16.82 3.05 1.90
CA HIS A 56 -16.33 3.98 2.91
C HIS A 56 -16.02 5.36 2.36
N LYS A 57 -15.99 6.33 3.26
CA LYS A 57 -15.54 7.66 2.95
C LYS A 57 -14.05 7.76 3.27
N PHE A 58 -13.29 8.31 2.34
CA PHE A 58 -11.87 8.59 2.54
C PHE A 58 -11.69 10.09 2.51
N ARG A 59 -11.26 10.66 3.63
CA ARG A 59 -11.10 12.10 3.78
C ARG A 59 -10.12 12.69 2.76
N ASN A 60 -9.07 11.94 2.45
CA ASN A 60 -8.20 12.30 1.35
C ASN A 60 -7.73 10.98 0.75
N PRO A 61 -7.20 11.02 -0.49
CA PRO A 61 -6.90 9.80 -1.24
C PRO A 61 -5.47 9.28 -1.07
N VAL A 62 -4.71 9.81 -0.11
CA VAL A 62 -3.31 9.44 0.03
C VAL A 62 -3.10 8.56 1.27
N GLY A 63 -2.80 7.29 1.02
CA GLY A 63 -2.58 6.34 2.09
C GLY A 63 -1.15 5.91 2.25
N ILE A 64 -0.87 5.28 3.39
CA ILE A 64 0.43 4.66 3.61
C ILE A 64 0.33 3.20 3.17
N ALA A 65 1.25 2.81 2.30
CA ALA A 65 1.24 1.46 1.74
C ALA A 65 1.66 0.43 2.78
N ALA A 66 1.25 -0.81 2.56
CA ALA A 66 1.69 -1.92 3.40
C ALA A 66 3.21 -2.01 3.48
N GLY A 67 3.71 -2.49 4.62
CA GLY A 67 5.11 -2.77 4.78
C GLY A 67 5.86 -1.75 5.60
N PHE A 68 5.23 -0.60 5.88
CA PHE A 68 5.84 0.38 6.73
C PHE A 68 5.53 -0.01 8.17
N ASP A 69 4.24 -0.12 8.46
CA ASP A 69 3.76 -0.58 9.76
C ASP A 69 3.29 -2.02 9.62
N LYS A 70 4.24 -2.94 9.59
CA LYS A 70 3.94 -4.35 9.35
C LYS A 70 3.09 -4.97 10.47
N HIS A 71 3.26 -4.51 11.70
CA HIS A 71 2.67 -5.19 12.87
C HIS A 71 1.58 -4.36 13.59
N GLY A 72 1.13 -3.27 12.96
CA GLY A 72 0.05 -2.45 13.51
C GLY A 72 0.44 -1.64 14.74
N GLU A 73 1.66 -1.13 14.76
CA GLU A 73 2.20 -0.43 15.93
C GLU A 73 2.11 1.08 15.88
N ALA A 74 1.79 1.64 14.72
CA ALA A 74 1.88 3.09 14.54
C ALA A 74 0.69 3.69 13.82
N VAL A 75 -0.45 3.01 13.87
CA VAL A 75 -1.62 3.42 13.11
C VAL A 75 -2.07 4.84 13.43
N ASP A 76 -2.18 5.19 14.70
CA ASP A 76 -2.66 6.52 15.04
C ASP A 76 -1.66 7.62 14.64
N GLY A 77 -0.37 7.35 14.80
CA GLY A 77 0.66 8.26 14.34
C GLY A 77 0.62 8.50 12.84
N LEU A 78 0.26 7.47 12.08
CA LEU A 78 0.16 7.61 10.64
C LEU A 78 -1.02 8.51 10.24
N TYR A 79 -2.15 8.40 10.93
CA TYR A 79 -3.24 9.33 10.69
C TYR A 79 -2.81 10.76 11.05
N LYS A 80 -2.07 10.88 12.14
CA LYS A 80 -1.56 12.19 12.56
C LYS A 80 -0.66 12.79 11.47
N MET A 81 0.06 11.93 10.75
CA MET A 81 0.96 12.37 9.69
C MET A 81 0.19 12.92 8.48
N GLY A 82 -1.12 12.64 8.41
CA GLY A 82 -1.98 13.20 7.40
C GLY A 82 -2.51 12.21 6.36
N PHE A 83 -2.19 10.93 6.52
CA PHE A 83 -2.68 9.90 5.60
C PHE A 83 -4.19 9.77 5.72
N GLY A 84 -4.87 9.64 4.57
CA GLY A 84 -6.31 9.50 4.52
C GLY A 84 -6.75 8.09 4.88
N PHE A 85 -5.82 7.15 4.78
CA PHE A 85 -6.07 5.78 5.21
C PHE A 85 -4.75 5.07 5.47
N VAL A 86 -4.82 4.02 6.28
CA VAL A 86 -3.64 3.29 6.70
C VAL A 86 -3.82 1.83 6.38
N GLU A 87 -2.78 1.24 5.80
CA GLU A 87 -2.75 -0.20 5.57
C GLU A 87 -1.59 -0.79 6.36
N ILE A 88 -1.91 -1.72 7.25
CA ILE A 88 -0.87 -2.42 8.00
C ILE A 88 -0.62 -3.78 7.38
N GLY A 89 0.46 -4.41 7.81
CA GLY A 89 0.86 -5.71 7.29
C GLY A 89 2.05 -5.59 6.34
N SER A 90 2.40 -6.68 5.66
CA SER A 90 1.67 -7.94 5.69
C SER A 90 1.80 -8.67 7.01
N VAL A 91 0.70 -9.29 7.44
CA VAL A 91 0.66 -10.10 8.65
C VAL A 91 0.52 -11.57 8.28
N THR A 92 1.37 -12.42 8.84
CA THR A 92 1.33 -13.86 8.59
C THR A 92 0.61 -14.57 9.75
N PRO A 93 0.09 -15.79 9.53
CA PRO A 93 -0.66 -16.44 10.60
C PRO A 93 0.16 -16.64 11.87
N LYS A 94 1.30 -17.29 11.74
CA LYS A 94 2.21 -17.47 12.86
C LYS A 94 3.32 -16.43 12.78
N PRO A 95 3.89 -16.04 13.93
CA PRO A 95 5.06 -15.17 13.88
C PRO A 95 6.20 -15.77 13.05
N GLN A 96 6.97 -14.95 12.36
CA GLN A 96 8.17 -15.43 11.68
C GLN A 96 9.16 -14.29 11.51
N GLU A 97 10.43 -14.63 11.45
CA GLU A 97 11.49 -13.61 11.53
C GLU A 97 11.81 -12.92 10.21
N GLY A 98 11.50 -13.57 9.10
CA GLY A 98 11.88 -13.07 7.80
C GLY A 98 13.32 -13.42 7.45
N ASN A 99 13.86 -12.78 6.43
CA ASN A 99 15.17 -13.13 5.92
C ASN A 99 16.32 -12.59 6.81
N PRO A 100 17.51 -13.20 6.68
CA PRO A 100 18.70 -12.70 7.36
C PRO A 100 19.05 -11.29 6.94
N ARG A 101 19.67 -10.52 7.84
CA ARG A 101 20.14 -9.18 7.52
C ARG A 101 21.54 -9.25 6.90
N PRO A 102 21.88 -8.28 6.04
CA PRO A 102 21.06 -7.12 5.63
C PRO A 102 19.99 -7.51 4.63
N ARG A 103 18.88 -6.78 4.66
CA ARG A 103 17.73 -7.12 3.83
C ARG A 103 16.97 -5.88 3.37
N VAL A 104 17.54 -4.69 3.60
CA VAL A 104 16.97 -3.43 3.13
C VAL A 104 18.12 -2.57 2.63
N PHE A 105 17.94 -1.94 1.47
CA PHE A 105 19.03 -1.24 0.79
C PHE A 105 18.52 0.06 0.17
N ARG A 106 19.25 1.15 0.39
CA ARG A 106 18.91 2.43 -0.25
C ARG A 106 19.67 2.60 -1.57
N LEU A 107 18.99 3.16 -2.55
CA LEU A 107 19.58 3.55 -3.83
C LEU A 107 19.33 5.05 -3.98
N PRO A 108 20.11 5.87 -3.27
CA PRO A 108 19.75 7.30 -3.21
C PRO A 108 19.84 7.99 -4.58
N GLU A 109 20.76 7.56 -5.44
CA GLU A 109 20.89 8.15 -6.77
C GLU A 109 19.66 7.90 -7.64
N ASP A 110 18.84 6.94 -7.23
CA ASP A 110 17.66 6.53 -7.98
C ASP A 110 16.37 6.87 -7.26
N GLN A 111 16.48 7.49 -6.08
CA GLN A 111 15.37 7.59 -5.12
C GLN A 111 14.54 6.32 -5.06
N ALA A 112 15.27 5.24 -4.80
CA ALA A 112 14.69 3.90 -4.73
C ALA A 112 15.18 3.16 -3.49
N VAL A 113 14.43 2.12 -3.15
CA VAL A 113 14.83 1.15 -2.14
C VAL A 113 14.70 -0.25 -2.73
N ILE A 114 15.57 -1.16 -2.26
CA ILE A 114 15.38 -2.59 -2.54
C ILE A 114 15.22 -3.27 -1.19
N ASN A 115 14.19 -4.08 -1.03
CA ASN A 115 14.03 -4.88 0.18
C ASN A 115 13.76 -6.34 -0.09
N ARG A 116 14.24 -7.16 0.84
CA ARG A 116 13.92 -8.58 0.90
C ARG A 116 13.65 -8.97 2.36
N TYR A 117 12.73 -8.24 3.00
CA TYR A 117 12.37 -8.54 4.38
C TYR A 117 11.92 -9.98 4.58
N GLY A 118 11.11 -10.46 3.66
CA GLY A 118 10.63 -11.84 3.69
C GLY A 118 9.50 -12.07 4.66
N PHE A 119 8.61 -11.07 4.78
CA PHE A 119 7.42 -11.16 5.61
C PHE A 119 7.75 -11.45 7.07
N ASN A 120 8.67 -10.68 7.61
CA ASN A 120 8.86 -10.63 9.05
C ASN A 120 7.54 -10.15 9.67
N SER A 121 7.01 -10.92 10.62
CA SER A 121 5.70 -10.63 11.15
C SER A 121 5.56 -11.09 12.60
N HIS A 122 4.96 -10.24 13.41
CA HIS A 122 4.60 -10.60 14.78
C HIS A 122 3.47 -11.65 14.83
N GLY A 123 2.79 -11.86 13.71
CA GLY A 123 1.75 -12.86 13.62
C GLY A 123 0.35 -12.36 13.93
N LEU A 124 -0.66 -13.13 13.50
CA LEU A 124 -2.05 -12.70 13.62
C LEU A 124 -2.52 -12.40 15.05
N SER A 125 -2.16 -13.25 15.99
N SER A 125 -2.16 -13.26 15.99
CA SER A 125 -2.63 -13.10 17.37
CA SER A 125 -2.61 -13.13 17.37
C SER A 125 -2.16 -11.79 17.99
C SER A 125 -2.15 -11.81 17.98
N VAL A 126 -0.87 -11.50 17.85
CA VAL A 126 -0.32 -10.27 18.39
C VAL A 126 -0.98 -9.05 17.74
N VAL A 127 -1.12 -9.08 16.41
CA VAL A 127 -1.72 -7.95 15.73
C VAL A 127 -3.20 -7.84 16.09
N GLU A 128 -3.90 -8.97 16.20
CA GLU A 128 -5.30 -8.98 16.63
C GLU A 128 -5.51 -8.24 17.95
N HIS A 129 -4.66 -8.54 18.92
CA HIS A 129 -4.81 -7.93 20.22
C HIS A 129 -4.44 -6.45 20.19
N ARG A 130 -3.44 -6.09 19.38
CA ARG A 130 -3.05 -4.70 19.21
C ARG A 130 -4.20 -3.86 18.62
N LEU A 131 -4.86 -4.37 17.58
CA LEU A 131 -5.99 -3.67 16.99
C LEU A 131 -7.23 -3.67 17.91
N ARG A 132 -7.44 -4.75 18.64
CA ARG A 132 -8.57 -4.82 19.56
C ARG A 132 -8.48 -3.73 20.63
N ALA A 133 -7.26 -3.35 20.99
CA ALA A 133 -7.04 -2.39 22.07
C ALA A 133 -7.47 -0.98 21.65
N ARG A 134 -7.62 -0.77 20.34
CA ARG A 134 -8.04 0.52 19.81
C ARG A 134 -9.21 0.37 18.83
N GLN A 135 -9.98 -0.70 18.98
CA GLN A 135 -11.04 -1.03 18.02
C GLN A 135 -12.11 0.05 17.91
N GLN A 136 -12.54 0.60 19.04
CA GLN A 136 -13.60 1.59 19.00
C GLN A 136 -13.07 2.94 18.53
N LYS A 137 -11.82 3.23 18.86
CA LYS A 137 -11.16 4.43 18.38
C LYS A 137 -11.11 4.38 16.84
N GLN A 138 -10.77 3.21 16.30
CA GLN A 138 -10.76 3.04 14.85
C GLN A 138 -12.15 3.16 14.25
N ALA A 139 -13.17 2.65 14.93
CA ALA A 139 -14.53 2.74 14.41
C ALA A 139 -14.89 4.20 14.20
N LYS A 140 -14.50 5.05 15.15
CA LYS A 140 -14.76 6.48 15.04
C LYS A 140 -13.92 7.13 13.94
N LEU A 141 -12.66 6.73 13.84
CA LEU A 141 -11.80 7.25 12.76
C LEU A 141 -12.40 6.92 11.39
N THR A 142 -12.82 5.68 11.22
CA THR A 142 -13.42 5.21 9.98
C THR A 142 -14.67 6.02 9.66
N GLU A 143 -15.50 6.23 10.67
CA GLU A 143 -16.71 7.03 10.49
C GLU A 143 -16.37 8.45 10.10
N ASP A 144 -15.22 8.94 10.58
CA ASP A 144 -14.76 10.28 10.25
C ASP A 144 -13.94 10.33 8.95
N GLY A 145 -13.94 9.23 8.20
CA GLY A 145 -13.32 9.21 6.88
C GLY A 145 -11.87 8.79 6.86
N LEU A 146 -11.46 8.03 7.87
CA LEU A 146 -10.08 7.54 7.98
C LEU A 146 -10.03 6.03 8.16
N PRO A 147 -10.24 5.27 7.07
CA PRO A 147 -10.34 3.81 7.14
C PRO A 147 -9.01 3.10 7.34
N LEU A 148 -9.12 1.84 7.74
CA LEU A 148 -7.99 0.98 8.03
C LEU A 148 -8.02 -0.26 7.16
N GLY A 149 -6.89 -0.55 6.53
CA GLY A 149 -6.71 -1.77 5.77
C GLY A 149 -5.72 -2.71 6.44
N VAL A 150 -5.93 -4.00 6.23
CA VAL A 150 -5.04 -5.02 6.72
C VAL A 150 -4.60 -5.91 5.57
N ASN A 151 -3.29 -5.97 5.37
CA ASN A 151 -2.69 -6.81 4.33
C ASN A 151 -2.27 -8.16 4.91
N LEU A 152 -2.78 -9.23 4.32
CA LEU A 152 -2.60 -10.59 4.83
C LEU A 152 -1.55 -11.35 4.04
N GLY A 153 -0.59 -11.94 4.75
CA GLY A 153 0.42 -12.77 4.11
C GLY A 153 0.29 -14.22 4.49
N LYS A 154 1.27 -15.01 4.06
CA LYS A 154 1.34 -16.41 4.45
C LYS A 154 2.73 -16.77 4.93
N ASN A 155 2.77 -17.77 5.81
CA ASN A 155 4.03 -18.21 6.37
C ASN A 155 4.89 -18.91 5.32
N LYS A 156 6.20 -18.77 5.49
CA LYS A 156 7.17 -19.38 4.61
C LYS A 156 6.99 -20.89 4.50
N THR A 157 6.65 -21.53 5.62
CA THR A 157 6.52 -22.99 5.65
C THR A 157 5.11 -23.51 5.33
N SER A 158 4.21 -22.60 4.97
CA SER A 158 2.81 -23.00 4.75
C SER A 158 2.65 -24.03 3.63
N VAL A 159 1.81 -25.03 3.90
CA VAL A 159 1.51 -26.08 2.93
C VAL A 159 0.33 -25.69 2.05
N ASP A 160 -0.56 -24.87 2.61
CA ASP A 160 -1.79 -24.47 1.93
C ASP A 160 -2.01 -22.96 2.06
N ALA A 161 -1.68 -22.24 0.99
CA ALA A 161 -1.74 -20.78 1.00
C ALA A 161 -3.14 -20.26 1.30
N ALA A 162 -4.14 -20.90 0.71
CA ALA A 162 -5.51 -20.49 0.88
C ALA A 162 -5.91 -20.55 2.36
N GLU A 163 -5.38 -21.52 3.09
CA GLU A 163 -5.74 -21.64 4.50
C GLU A 163 -5.06 -20.54 5.33
N ASP A 164 -3.81 -20.18 4.99
CA ASP A 164 -3.18 -19.05 5.63
C ASP A 164 -4.01 -17.79 5.45
N TYR A 165 -4.45 -17.52 4.22
CA TYR A 165 -5.24 -16.32 3.96
C TYR A 165 -6.60 -16.39 4.64
N ALA A 166 -7.22 -17.57 4.62
CA ALA A 166 -8.49 -17.77 5.30
C ALA A 166 -8.40 -17.46 6.79
N GLU A 167 -7.33 -17.95 7.43
CA GLU A 167 -7.09 -17.66 8.84
C GLU A 167 -7.00 -16.16 9.09
N GLY A 168 -6.29 -15.47 8.20
CA GLY A 168 -6.17 -14.03 8.29
C GLY A 168 -7.50 -13.31 8.20
N VAL A 169 -8.35 -13.76 7.28
CA VAL A 169 -9.70 -13.22 7.15
C VAL A 169 -10.48 -13.41 8.44
N ARG A 170 -10.40 -14.60 9.01
CA ARG A 170 -11.17 -14.89 10.21
C ARG A 170 -10.70 -14.07 11.41
N VAL A 171 -9.39 -13.90 11.53
CA VAL A 171 -8.84 -13.24 12.72
C VAL A 171 -8.83 -11.72 12.61
N LEU A 172 -8.42 -11.17 11.46
CA LEU A 172 -8.29 -9.72 11.35
C LEU A 172 -9.37 -9.06 10.49
N GLY A 173 -10.09 -9.85 9.70
CA GLY A 173 -11.22 -9.30 8.95
C GLY A 173 -12.19 -8.49 9.79
N PRO A 174 -12.53 -8.98 10.99
CA PRO A 174 -13.48 -8.26 11.85
C PRO A 174 -12.96 -6.91 12.35
N LEU A 175 -11.67 -6.65 12.18
CA LEU A 175 -11.04 -5.44 12.68
C LEU A 175 -10.64 -4.47 11.56
N ALA A 176 -10.97 -4.84 10.32
CA ALA A 176 -10.49 -4.11 9.14
C ALA A 176 -11.63 -3.55 8.31
N ASP A 177 -11.40 -2.39 7.70
CA ASP A 177 -12.34 -1.88 6.72
C ASP A 177 -12.13 -2.56 5.38
N TYR A 178 -10.89 -2.92 5.09
CA TYR A 178 -10.59 -3.74 3.93
C TYR A 178 -9.41 -4.66 4.21
N LEU A 179 -9.42 -5.77 3.50
CA LEU A 179 -8.37 -6.76 3.56
C LEU A 179 -7.68 -6.84 2.22
N VAL A 180 -6.39 -7.16 2.23
CA VAL A 180 -5.62 -7.34 1.01
C VAL A 180 -4.95 -8.72 0.97
N VAL A 181 -5.09 -9.39 -0.17
CA VAL A 181 -4.33 -10.60 -0.47
C VAL A 181 -3.33 -10.32 -1.59
N ASN A 182 -2.03 -10.50 -1.33
CA ASN A 182 -1.02 -10.43 -2.41
C ASN A 182 -0.99 -11.69 -3.28
N VAL A 183 -0.98 -11.47 -4.58
CA VAL A 183 -0.54 -12.49 -5.50
C VAL A 183 0.80 -11.99 -6.06
N SER A 184 1.57 -11.27 -5.22
CA SER A 184 2.59 -10.34 -5.74
C SER A 184 3.89 -10.06 -4.97
N SER A 185 4.09 -10.53 -3.75
CA SER A 185 5.36 -10.21 -3.09
C SER A 185 6.53 -11.02 -3.65
N PRO A 186 7.68 -10.35 -3.83
CA PRO A 186 8.84 -11.00 -4.48
C PRO A 186 9.72 -11.84 -3.55
N ASN A 187 9.43 -11.85 -2.26
CA ASN A 187 10.36 -12.39 -1.25
C ASN A 187 9.82 -13.57 -0.45
N THR A 188 8.82 -14.25 -1.00
CA THR A 188 8.37 -15.53 -0.45
C THR A 188 8.23 -16.50 -1.62
N ALA A 189 8.99 -17.58 -1.56
CA ALA A 189 9.06 -18.55 -2.65
C ALA A 189 7.68 -19.10 -3.01
N GLY A 190 7.29 -18.88 -4.27
CA GLY A 190 6.06 -19.44 -4.79
C GLY A 190 4.82 -18.60 -4.59
N LEU A 191 4.93 -17.49 -3.84
CA LEU A 191 3.77 -16.66 -3.54
C LEU A 191 3.13 -16.09 -4.81
N ARG A 192 3.97 -15.60 -5.71
CA ARG A 192 3.49 -14.92 -6.91
C ARG A 192 2.80 -15.89 -7.87
N SER A 193 3.14 -17.18 -7.78
CA SER A 193 2.50 -18.20 -8.61
C SER A 193 1.03 -18.38 -8.26
N LEU A 194 0.58 -17.73 -7.19
CA LEU A 194 -0.84 -17.67 -6.87
C LEU A 194 -1.60 -16.80 -7.88
N GLN A 195 -0.85 -16.23 -8.84
CA GLN A 195 -1.41 -15.40 -9.90
C GLN A 195 -2.06 -16.18 -11.05
N GLY A 196 -1.79 -17.48 -11.14
CA GLY A 196 -2.34 -18.33 -12.19
C GLY A 196 -3.81 -18.66 -12.00
N LYS A 197 -4.54 -18.90 -13.09
CA LYS A 197 -5.99 -18.67 -13.10
C LYS A 197 -6.88 -19.59 -12.26
N ALA A 198 -6.96 -20.89 -12.59
CA ALA A 198 -7.92 -21.78 -11.93
C ALA A 198 -7.61 -21.92 -10.44
N GLU A 199 -6.33 -21.86 -10.12
CA GLU A 199 -5.86 -21.92 -8.75
C GLU A 199 -6.16 -20.59 -8.06
N LEU A 200 -6.03 -19.49 -8.79
CA LEU A 200 -6.30 -18.16 -8.24
C LEU A 200 -7.78 -18.03 -7.91
N ARG A 201 -8.62 -18.58 -8.79
CA ARG A 201 -10.07 -18.59 -8.60
C ARG A 201 -10.42 -19.35 -7.33
N ARG A 202 -9.76 -20.49 -7.14
CA ARG A 202 -9.94 -21.33 -5.96
C ARG A 202 -9.57 -20.58 -4.68
N LEU A 203 -8.40 -19.95 -4.71
CA LEU A 203 -7.90 -19.19 -3.57
C LEU A 203 -8.84 -18.06 -3.20
N LEU A 204 -9.21 -17.26 -4.19
CA LEU A 204 -10.02 -16.08 -3.93
C LEU A 204 -11.46 -16.49 -3.58
N THR A 205 -11.92 -17.62 -4.09
CA THR A 205 -13.25 -18.11 -3.75
C THR A 205 -13.30 -18.42 -2.25
N LYS A 206 -12.26 -19.07 -1.76
CA LYS A 206 -12.17 -19.42 -0.34
C LYS A 206 -12.10 -18.17 0.55
N VAL A 207 -11.27 -17.21 0.15
CA VAL A 207 -11.15 -15.95 0.87
C VAL A 207 -12.49 -15.23 0.96
N LEU A 208 -13.21 -15.16 -0.14
CA LEU A 208 -14.48 -14.44 -0.16
C LEU A 208 -15.56 -15.18 0.64
N GLN A 209 -15.55 -16.51 0.60
CA GLN A 209 -16.46 -17.32 1.43
C GLN A 209 -16.24 -16.99 2.90
N GLU A 210 -14.98 -16.95 3.31
CA GLU A 210 -14.65 -16.69 4.71
C GLU A 210 -15.10 -15.30 5.10
N ARG A 211 -14.88 -14.32 4.22
CA ARG A 211 -15.29 -12.95 4.44
C ARG A 211 -16.80 -12.84 4.59
N ASP A 212 -17.52 -13.52 3.71
CA ASP A 212 -18.98 -13.49 3.70
C ASP A 212 -19.58 -14.13 4.96
N GLY A 213 -18.79 -14.97 5.61
CA GLY A 213 -19.19 -15.63 6.84
C GLY A 213 -19.09 -14.76 8.09
N LEU A 214 -18.50 -13.56 7.95
CA LEU A 214 -18.40 -12.63 9.07
C LEU A 214 -19.68 -11.82 9.25
N ARG A 215 -19.98 -11.48 10.49
CA ARG A 215 -21.14 -10.63 10.79
C ARG A 215 -21.05 -9.29 10.05
N ARG A 216 -22.22 -8.80 9.66
CA ARG A 216 -22.34 -7.66 8.75
C ARG A 216 -21.48 -6.45 9.13
N VAL A 217 -21.49 -6.03 10.39
CA VAL A 217 -20.71 -4.84 10.75
C VAL A 217 -19.21 -5.14 10.84
N HIS A 218 -18.85 -6.41 10.70
CA HIS A 218 -17.45 -6.84 10.76
C HIS A 218 -16.98 -7.45 9.44
N ARG A 219 -17.65 -7.08 8.36
CA ARG A 219 -17.40 -7.68 7.05
C ARG A 219 -16.64 -6.71 6.13
N PRO A 220 -15.33 -6.95 5.93
CA PRO A 220 -14.50 -6.01 5.17
C PRO A 220 -14.58 -6.20 3.67
N ALA A 221 -14.23 -5.16 2.92
CA ALA A 221 -13.96 -5.30 1.49
C ALA A 221 -12.70 -6.16 1.32
N VAL A 222 -12.61 -6.85 0.19
CA VAL A 222 -11.45 -7.68 -0.12
C VAL A 222 -10.83 -7.23 -1.43
N LEU A 223 -9.55 -6.89 -1.37
CA LEU A 223 -8.76 -6.47 -2.53
C LEU A 223 -7.61 -7.43 -2.80
N VAL A 224 -7.19 -7.45 -4.05
CA VAL A 224 -6.06 -8.26 -4.48
C VAL A 224 -4.93 -7.31 -4.86
N LYS A 225 -3.73 -7.56 -4.33
CA LYS A 225 -2.57 -6.74 -4.64
C LYS A 225 -1.64 -7.48 -5.57
N ILE A 226 -1.31 -6.83 -6.68
CA ILE A 226 -0.53 -7.45 -7.72
C ILE A 226 0.80 -6.76 -7.93
N ALA A 227 1.74 -7.51 -8.47
CA ALA A 227 3.04 -7.00 -8.83
C ALA A 227 2.98 -6.34 -10.20
N PRO A 228 4.01 -5.57 -10.53
CA PRO A 228 4.09 -4.97 -11.86
C PRO A 228 4.71 -5.94 -12.88
N ASP A 229 5.09 -7.12 -12.43
CA ASP A 229 5.91 -8.03 -13.25
C ASP A 229 5.12 -9.11 -13.97
N LEU A 230 3.81 -8.93 -14.03
CA LEU A 230 2.91 -9.90 -14.65
C LEU A 230 2.96 -9.88 -16.17
N THR A 231 2.76 -11.05 -16.77
CA THR A 231 2.57 -11.10 -18.22
C THR A 231 1.20 -10.52 -18.57
N SER A 232 1.02 -10.19 -19.85
CA SER A 232 -0.29 -9.77 -20.33
C SER A 232 -1.35 -10.84 -20.04
N GLN A 233 -0.97 -12.10 -20.21
CA GLN A 233 -1.87 -13.21 -19.93
C GLN A 233 -2.28 -13.23 -18.46
N ASP A 234 -1.31 -13.03 -17.56
CA ASP A 234 -1.56 -12.97 -16.11
C ASP A 234 -2.58 -11.88 -15.79
N LYS A 235 -2.38 -10.71 -16.37
CA LYS A 235 -3.26 -9.57 -16.11
C LYS A 235 -4.68 -9.82 -16.62
N GLU A 236 -4.81 -10.40 -17.81
CA GLU A 236 -6.13 -10.76 -18.35
C GLU A 236 -6.84 -11.71 -17.42
N ASP A 237 -6.12 -12.71 -16.93
CA ASP A 237 -6.69 -13.76 -16.09
C ASP A 237 -7.15 -13.17 -14.76
N ILE A 238 -6.33 -12.32 -14.17
CA ILE A 238 -6.67 -11.69 -12.90
C ILE A 238 -7.91 -10.82 -13.05
N ALA A 239 -7.97 -10.03 -14.12
CA ALA A 239 -9.12 -9.18 -14.36
C ALA A 239 -10.39 -10.00 -14.48
N SER A 240 -10.29 -11.13 -15.17
CA SER A 240 -11.44 -12.00 -15.38
C SER A 240 -11.93 -12.63 -14.06
N VAL A 241 -11.00 -13.16 -13.29
CA VAL A 241 -11.36 -13.77 -12.00
C VAL A 241 -11.95 -12.73 -11.05
N VAL A 242 -11.32 -11.56 -10.99
CA VAL A 242 -11.81 -10.47 -10.14
C VAL A 242 -13.26 -10.10 -10.45
N LYS A 243 -13.58 -9.98 -11.73
CA LYS A 243 -14.96 -9.66 -12.12
C LYS A 243 -15.91 -10.82 -11.85
N GLU A 244 -15.46 -12.04 -12.16
CA GLU A 244 -16.29 -13.23 -11.96
C GLU A 244 -16.70 -13.41 -10.50
N LEU A 245 -15.78 -13.16 -9.58
CA LEU A 245 -15.99 -13.46 -8.18
C LEU A 245 -16.53 -12.29 -7.37
N GLY A 246 -16.49 -11.09 -7.94
CA GLY A 246 -16.93 -9.91 -7.22
C GLY A 246 -15.91 -9.42 -6.20
N ILE A 247 -14.63 -9.58 -6.50
CA ILE A 247 -13.56 -8.97 -5.69
C ILE A 247 -13.81 -7.47 -5.65
N ASP A 248 -13.60 -6.85 -4.49
CA ASP A 248 -14.02 -5.46 -4.31
C ASP A 248 -13.04 -4.43 -4.89
N GLY A 249 -11.78 -4.81 -5.06
CA GLY A 249 -10.82 -3.88 -5.60
C GLY A 249 -9.46 -4.50 -5.85
N LEU A 250 -8.57 -3.70 -6.42
CA LEU A 250 -7.20 -4.08 -6.74
C LEU A 250 -6.22 -3.09 -6.17
N ILE A 251 -5.06 -3.56 -5.72
CA ILE A 251 -3.97 -2.66 -5.35
C ILE A 251 -2.85 -2.89 -6.35
N VAL A 252 -2.41 -1.80 -6.95
CA VAL A 252 -1.59 -1.83 -8.15
C VAL A 252 -0.53 -0.74 -8.00
N THR A 253 0.73 -1.04 -7.61
CA THR A 253 1.35 -2.35 -7.53
C THR A 253 2.27 -2.51 -6.31
N ASN A 254 2.65 -3.77 -6.09
CA ASN A 254 3.76 -4.13 -5.23
C ASN A 254 5.10 -3.71 -5.87
N THR A 255 6.20 -4.06 -5.22
CA THR A 255 7.54 -3.79 -5.74
C THR A 255 7.85 -4.65 -6.96
N THR A 256 8.87 -4.26 -7.72
CA THR A 256 9.28 -5.00 -8.92
C THR A 256 10.57 -5.80 -8.71
N VAL A 257 10.61 -7.02 -9.25
CA VAL A 257 11.84 -7.80 -9.27
C VAL A 257 12.64 -7.53 -10.54
N SER A 258 12.12 -6.65 -11.39
CA SER A 258 12.87 -6.15 -12.53
C SER A 258 13.88 -5.12 -12.06
N ARG A 259 14.87 -4.86 -12.91
CA ARG A 259 15.82 -3.79 -12.67
C ARG A 259 15.85 -2.94 -13.93
N PRO A 260 15.05 -1.88 -13.96
CA PRO A 260 15.01 -1.03 -15.16
C PRO A 260 16.39 -0.53 -15.54
N ALA A 261 16.64 -0.39 -16.85
CA ALA A 261 17.90 0.17 -17.28
C ALA A 261 18.07 1.54 -16.66
N GLY A 262 19.31 1.91 -16.36
CA GLY A 262 19.62 3.24 -15.91
C GLY A 262 19.79 3.40 -14.41
N LEU A 263 19.50 2.38 -13.61
CA LEU A 263 19.75 2.44 -12.18
C LEU A 263 21.23 2.73 -11.92
N GLN A 264 21.49 3.66 -11.02
CA GLN A 264 22.85 4.11 -10.70
C GLN A 264 23.36 3.63 -9.34
N GLY A 265 22.44 3.32 -8.44
CA GLY A 265 22.80 2.93 -7.09
C GLY A 265 23.77 1.76 -7.09
N ALA A 266 24.75 1.83 -6.19
CA ALA A 266 25.74 0.76 -6.07
C ALA A 266 25.07 -0.58 -5.73
N LEU A 267 23.93 -0.52 -5.05
CA LEU A 267 23.27 -1.72 -4.55
C LEU A 267 22.15 -2.23 -5.47
N ARG A 268 22.17 -1.78 -6.73
CA ARG A 268 21.10 -2.12 -7.67
C ARG A 268 20.94 -3.62 -7.93
N SER A 269 21.99 -4.40 -7.75
CA SER A 269 21.92 -5.84 -8.05
C SER A 269 21.67 -6.72 -6.81
N GLU A 270 21.33 -6.10 -5.70
CA GLU A 270 20.82 -6.82 -4.54
C GLU A 270 19.50 -7.47 -4.89
N THR A 271 19.30 -8.67 -4.38
CA THR A 271 18.04 -9.40 -4.52
C THR A 271 16.94 -8.71 -3.73
N GLY A 272 15.75 -8.64 -4.34
CA GLY A 272 14.58 -8.14 -3.65
C GLY A 272 13.67 -7.30 -4.55
N GLY A 273 12.68 -6.70 -3.91
CA GLY A 273 11.75 -5.84 -4.60
C GLY A 273 12.21 -4.39 -4.61
N LEU A 274 12.18 -3.80 -5.80
N LEU A 274 12.18 -3.80 -5.80
CA LEU A 274 12.51 -2.40 -6.02
CA LEU A 274 12.52 -2.40 -5.99
C LEU A 274 11.28 -1.49 -5.94
C LEU A 274 11.28 -1.51 -5.91
N SER A 275 11.42 -0.41 -5.19
CA SER A 275 10.37 0.56 -4.98
C SER A 275 10.87 1.95 -5.31
N GLY A 276 9.98 2.94 -5.26
CA GLY A 276 10.37 4.31 -5.47
C GLY A 276 10.31 4.72 -6.94
N LYS A 277 11.08 5.73 -7.28
CA LYS A 277 10.92 6.38 -8.58
C LYS A 277 11.08 5.47 -9.78
N PRO A 278 11.99 4.49 -9.73
CA PRO A 278 12.12 3.63 -10.91
C PRO A 278 10.91 2.73 -11.15
N LEU A 279 10.06 2.60 -10.15
CA LEU A 279 8.83 1.81 -10.26
C LEU A 279 7.65 2.64 -10.75
N ARG A 280 7.77 3.96 -10.69
CA ARG A 280 6.60 4.82 -10.82
C ARG A 280 5.77 4.57 -12.07
N ASP A 281 6.39 4.66 -13.24
CA ASP A 281 5.60 4.62 -14.45
C ASP A 281 5.20 3.18 -14.83
N LEU A 282 6.01 2.21 -14.42
N LEU A 282 6.00 2.21 -14.41
CA LEU A 282 5.63 0.80 -14.55
CA LEU A 282 5.59 0.80 -14.51
C LEU A 282 4.36 0.50 -13.76
C LEU A 282 4.23 0.62 -13.85
N SER A 283 4.23 1.13 -12.60
N SER A 283 4.14 1.04 -12.60
N SER A 283 4.16 1.16 -12.65
CA SER A 283 3.02 1.01 -11.79
CA SER A 283 2.91 0.91 -11.82
CA SER A 283 2.96 0.92 -11.87
C SER A 283 1.82 1.67 -12.47
C SER A 283 1.76 1.69 -12.44
C SER A 283 1.78 1.68 -12.44
N THR A 284 2.03 2.90 -12.92
CA THR A 284 0.99 3.69 -13.53
C THR A 284 0.43 2.97 -14.76
N GLN A 285 1.31 2.39 -15.55
CA GLN A 285 0.87 1.64 -16.72
C GLN A 285 0.10 0.38 -16.33
N THR A 286 0.47 -0.26 -15.23
CA THR A 286 -0.27 -1.42 -14.79
C THR A 286 -1.68 -1.01 -14.32
N ILE A 287 -1.81 0.15 -13.67
CA ILE A 287 -3.11 0.68 -13.29
C ILE A 287 -3.97 0.91 -14.54
N ARG A 288 -3.36 1.52 -15.54
CA ARG A 288 -4.05 1.86 -16.78
C ARG A 288 -4.62 0.60 -17.41
N GLU A 289 -3.79 -0.44 -17.48
CA GLU A 289 -4.20 -1.70 -18.07
C GLU A 289 -5.31 -2.40 -17.27
N MET A 290 -5.15 -2.49 -15.95
CA MET A 290 -6.15 -3.16 -15.13
C MET A 290 -7.49 -2.41 -15.12
N TYR A 291 -7.43 -1.08 -15.15
CA TYR A 291 -8.65 -0.29 -15.23
C TYR A 291 -9.43 -0.65 -16.50
N ALA A 292 -8.73 -0.67 -17.62
CA ALA A 292 -9.35 -1.01 -18.90
C ALA A 292 -9.88 -2.46 -18.91
N LEU A 293 -9.10 -3.39 -18.38
CA LEU A 293 -9.51 -4.79 -18.39
C LEU A 293 -10.74 -5.05 -17.52
N THR A 294 -10.97 -4.17 -16.54
CA THR A 294 -12.14 -4.29 -15.65
C THR A 294 -13.22 -3.25 -15.94
N GLN A 295 -13.09 -2.59 -17.09
CA GLN A 295 -14.08 -1.63 -17.58
C GLN A 295 -14.35 -0.50 -16.59
N GLY A 296 -13.34 -0.15 -15.80
CA GLY A 296 -13.48 0.92 -14.83
C GLY A 296 -14.46 0.65 -13.69
N ARG A 297 -14.89 -0.59 -13.54
CA ARG A 297 -15.89 -0.94 -12.53
C ARG A 297 -15.31 -1.51 -11.24
N VAL A 298 -13.98 -1.69 -11.20
CA VAL A 298 -13.30 -2.28 -10.05
C VAL A 298 -12.35 -1.24 -9.47
N PRO A 299 -12.64 -0.74 -8.25
CA PRO A 299 -11.76 0.26 -7.64
C PRO A 299 -10.30 -0.18 -7.58
N ILE A 300 -9.40 0.74 -7.90
CA ILE A 300 -7.97 0.49 -7.86
C ILE A 300 -7.32 1.46 -6.88
N ILE A 301 -6.47 0.91 -6.02
CA ILE A 301 -5.56 1.72 -5.23
C ILE A 301 -4.20 1.69 -5.93
N GLY A 302 -3.75 2.86 -6.34
CA GLY A 302 -2.52 2.99 -7.11
C GLY A 302 -1.32 3.31 -6.25
N VAL A 303 -0.23 2.57 -6.49
CA VAL A 303 0.93 2.67 -5.61
C VAL A 303 2.19 2.30 -6.39
N GLY A 304 3.24 3.05 -6.11
CA GLY A 304 4.54 2.90 -6.74
C GLY A 304 5.14 4.24 -7.16
N GLY A 305 6.19 4.66 -6.45
CA GLY A 305 6.94 5.85 -6.79
C GLY A 305 6.24 7.19 -6.71
N VAL A 306 5.19 7.30 -5.89
CA VAL A 306 4.52 8.58 -5.69
C VAL A 306 5.25 9.46 -4.68
N SER A 307 5.67 10.65 -5.11
CA SER A 307 6.23 11.61 -4.16
C SER A 307 5.82 13.04 -4.45
N SER A 308 4.88 13.23 -5.37
CA SER A 308 4.36 14.56 -5.68
C SER A 308 2.88 14.49 -6.07
N GLY A 309 2.24 15.66 -6.10
CA GLY A 309 0.88 15.76 -6.59
C GLY A 309 0.77 15.29 -8.02
N GLN A 310 1.76 15.61 -8.86
CA GLN A 310 1.72 15.12 -10.24
C GLN A 310 1.73 13.60 -10.30
N ASP A 311 2.58 12.96 -9.50
CA ASP A 311 2.65 11.50 -9.47
C ASP A 311 1.28 10.93 -9.08
N ALA A 312 0.66 11.52 -8.08
CA ALA A 312 -0.62 11.04 -7.59
C ALA A 312 -1.70 11.20 -8.65
N LEU A 313 -1.77 12.37 -9.27
CA LEU A 313 -2.78 12.63 -10.27
C LEU A 313 -2.60 11.75 -11.51
N GLU A 314 -1.36 11.45 -11.89
CA GLU A 314 -1.17 10.56 -13.03
C GLU A 314 -1.80 9.19 -12.77
N LYS A 315 -1.68 8.69 -11.55
CA LYS A 315 -2.25 7.40 -11.22
C LYS A 315 -3.78 7.46 -11.14
N ILE A 316 -4.30 8.55 -10.58
CA ILE A 316 -5.76 8.75 -10.52
C ILE A 316 -6.34 8.83 -11.95
N ARG A 317 -5.72 9.62 -12.81
CA ARG A 317 -6.22 9.74 -14.18
C ARG A 317 -6.07 8.43 -14.96
N ALA A 318 -5.09 7.61 -14.56
CA ALA A 318 -4.91 6.28 -15.16
C ALA A 318 -5.99 5.28 -14.72
N GLY A 319 -6.68 5.58 -13.61
CA GLY A 319 -7.73 4.72 -13.11
C GLY A 319 -7.78 4.47 -11.61
N ALA A 320 -6.85 5.05 -10.85
CA ALA A 320 -6.85 4.84 -9.40
C ALA A 320 -7.86 5.73 -8.70
N SER A 321 -8.63 5.14 -7.78
CA SER A 321 -9.55 5.91 -6.93
C SER A 321 -8.83 6.46 -5.71
N LEU A 322 -7.78 5.76 -5.29
CA LEU A 322 -6.94 6.15 -4.15
C LEU A 322 -5.50 5.87 -4.52
N VAL A 323 -4.56 6.48 -3.81
CA VAL A 323 -3.15 6.15 -4.00
C VAL A 323 -2.49 5.88 -2.64
N GLN A 324 -1.35 5.19 -2.67
CA GLN A 324 -0.50 5.03 -1.50
C GLN A 324 0.92 5.41 -1.84
N LEU A 325 1.70 5.70 -0.80
CA LEU A 325 3.13 5.89 -0.95
C LEU A 325 3.82 5.25 0.23
N TYR A 326 5.11 4.98 0.07
CA TYR A 326 5.95 4.46 1.13
C TYR A 326 7.37 5.00 0.96
N THR A 327 8.03 4.64 -0.14
CA THR A 327 9.44 4.96 -0.30
C THR A 327 9.72 6.47 -0.21
N ALA A 328 8.79 7.32 -0.65
CA ALA A 328 8.99 8.78 -0.58
C ALA A 328 9.21 9.24 0.87
N LEU A 329 8.53 8.59 1.79
CA LEU A 329 8.64 8.87 3.21
C LEU A 329 10.07 8.66 3.67
N THR A 330 10.73 7.65 3.11
CA THR A 330 12.05 7.30 3.57
C THR A 330 13.08 8.33 3.08
N PHE A 331 12.78 9.06 2.00
CA PHE A 331 13.65 10.14 1.51
C PHE A 331 13.23 11.55 1.95
N TRP A 332 11.93 11.85 1.94
CA TRP A 332 11.44 13.19 2.23
C TRP A 332 11.00 13.34 3.70
N GLY A 333 10.72 12.23 4.36
CA GLY A 333 10.15 12.25 5.69
C GLY A 333 8.69 12.65 5.70
N PRO A 334 8.10 12.75 6.90
CA PRO A 334 6.68 13.03 7.11
C PRO A 334 6.08 14.21 6.31
N PRO A 335 6.85 15.29 6.07
CA PRO A 335 6.25 16.40 5.33
C PRO A 335 5.78 16.04 3.92
N VAL A 336 6.21 14.89 3.40
CA VAL A 336 5.86 14.55 2.03
C VAL A 336 4.36 14.30 1.88
N VAL A 337 3.70 13.90 2.96
CA VAL A 337 2.26 13.62 2.88
C VAL A 337 1.45 14.90 2.59
N GLY A 338 1.70 15.95 3.37
CA GLY A 338 1.06 17.24 3.13
C GLY A 338 1.43 17.83 1.78
N LYS A 339 2.67 17.62 1.36
CA LYS A 339 3.13 18.08 0.05
C LYS A 339 2.31 17.49 -1.09
N VAL A 340 2.15 16.17 -1.07
CA VAL A 340 1.40 15.48 -2.11
C VAL A 340 -0.05 15.94 -2.12
N LYS A 341 -0.66 16.09 -0.95
CA LYS A 341 -2.06 16.50 -0.90
C LYS A 341 -2.23 17.92 -1.44
N ARG A 342 -1.33 18.83 -1.04
CA ARG A 342 -1.43 20.23 -1.46
C ARG A 342 -1.22 20.36 -2.97
N GLU A 343 -0.22 19.66 -3.48
CA GLU A 343 0.07 19.68 -4.91
C GLU A 343 -1.06 19.05 -5.71
N LEU A 344 -1.63 17.97 -5.21
CA LEU A 344 -2.73 17.29 -5.87
C LEU A 344 -3.95 18.21 -5.97
N GLU A 345 -4.27 18.88 -4.87
CA GLU A 345 -5.40 19.80 -4.86
C GLU A 345 -5.20 20.89 -5.91
N ALA A 346 -4.01 21.47 -5.94
CA ALA A 346 -3.71 22.54 -6.88
C ALA A 346 -3.82 22.06 -8.32
N LEU A 347 -3.30 20.87 -8.62
CA LEU A 347 -3.38 20.36 -9.98
C LEU A 347 -4.80 20.02 -10.40
N LEU A 348 -5.62 19.51 -9.47
CA LEU A 348 -7.02 19.22 -9.81
C LEU A 348 -7.70 20.51 -10.27
N LYS A 349 -7.49 21.57 -9.51
CA LYS A 349 -8.05 22.87 -9.87
C LYS A 349 -7.57 23.33 -11.24
N GLU A 350 -6.26 23.25 -11.46
CA GLU A 350 -5.64 23.70 -12.70
C GLU A 350 -6.15 22.97 -13.93
N GLN A 351 -6.54 21.70 -13.77
CA GLN A 351 -6.97 20.90 -14.89
C GLN A 351 -8.50 20.83 -15.00
N GLY A 352 -9.18 21.60 -14.14
CA GLY A 352 -10.62 21.76 -14.23
C GLY A 352 -11.45 20.65 -13.63
N PHE A 353 -10.90 19.88 -12.71
CA PHE A 353 -11.66 18.84 -12.01
C PHE A 353 -12.33 19.43 -10.78
N GLY A 354 -13.58 19.06 -10.55
CA GLY A 354 -14.30 19.50 -9.36
C GLY A 354 -13.73 18.87 -8.11
N GLY A 355 -13.17 17.68 -8.26
CA GLY A 355 -12.51 17.01 -7.15
C GLY A 355 -11.87 15.73 -7.65
N VAL A 356 -11.31 14.96 -6.73
CA VAL A 356 -10.62 13.73 -7.09
C VAL A 356 -11.50 12.79 -7.88
N THR A 357 -12.75 12.66 -7.45
CA THR A 357 -13.67 11.71 -8.06
C THR A 357 -13.82 11.97 -9.56
N ASP A 358 -13.87 13.23 -9.94
CA ASP A 358 -14.01 13.60 -11.35
C ASP A 358 -12.79 13.17 -12.17
N ALA A 359 -11.64 13.04 -11.52
CA ALA A 359 -10.39 12.75 -12.24
C ALA A 359 -10.14 11.25 -12.40
N ILE A 360 -10.84 10.42 -11.62
CA ILE A 360 -10.59 8.98 -11.68
C ILE A 360 -10.85 8.42 -13.07
N GLY A 361 -9.82 7.85 -13.66
CA GLY A 361 -9.91 7.26 -14.98
C GLY A 361 -10.07 8.24 -16.13
N ALA A 362 -9.84 9.52 -15.88
CA ALA A 362 -10.08 10.56 -16.91
C ALA A 362 -9.30 10.35 -18.21
N ASP A 363 -8.13 9.70 -18.14
CA ASP A 363 -7.32 9.51 -19.35
C ASP A 363 -7.99 8.58 -20.35
N HIS A 364 -8.87 7.70 -19.86
CA HIS A 364 -9.55 6.72 -20.70
C HIS A 364 -10.73 7.32 -21.44
N ARG A 365 -11.14 8.51 -21.03
CA ARG A 365 -12.27 9.22 -21.62
C ARG A 365 -11.79 10.39 -22.47
N1 FMN B . 3.79 -4.62 0.31
C2 FMN B . 2.96 -5.55 0.86
O2 FMN B . 1.91 -5.83 0.30
N3 FMN B . 3.34 -6.19 2.03
C4 FMN B . 4.51 -5.88 2.67
O4 FMN B . 4.76 -6.45 3.75
C4A FMN B . 5.36 -4.92 2.11
N5 FMN B . 6.57 -4.60 2.70
C5A FMN B . 7.39 -3.62 2.14
C6 FMN B . 8.59 -3.28 2.74
C7 FMN B . 9.41 -2.30 2.19
C7M FMN B . 10.69 -1.95 2.87
C8 FMN B . 8.99 -1.68 1.00
C8M FMN B . 9.83 -0.61 0.36
C9 FMN B . 7.81 -2.02 0.41
C9A FMN B . 6.98 -3.00 0.97
N10 FMN B . 5.79 -3.34 0.35
C10 FMN B . 4.99 -4.30 0.92
C1' FMN B . 5.37 -2.68 -0.94
C2' FMN B . 4.71 -1.32 -0.77
O2' FMN B . 3.48 -1.57 -0.12
C3' FMN B . 4.44 -0.70 -2.13
O3' FMN B . 3.58 -1.56 -2.86
C4' FMN B . 5.71 -0.45 -2.94
O4' FMN B . 6.81 -0.18 -2.07
C5' FMN B . 5.57 0.67 -3.97
O5' FMN B . 5.27 1.92 -3.37
P FMN B . 6.43 3.00 -3.14
O1P FMN B . 7.33 2.49 -2.01
O2P FMN B . 5.72 4.29 -2.81
O3P FMN B . 7.21 3.15 -4.43
HN3 FMN B . 2.72 -6.91 2.44
H6 FMN B . 8.91 -3.78 3.67
HM71 FMN B . 11.21 -1.16 2.31
HM72 FMN B . 11.33 -2.83 2.94
HM73 FMN B . 10.48 -1.58 3.88
HM81 FMN B . 9.32 -0.26 -0.54
HM82 FMN B . 10.80 -1.03 0.09
HM83 FMN B . 9.96 0.22 1.06
H9 FMN B . 7.49 -1.52 -0.51
H1'1 FMN B . 4.68 -3.34 -1.46
H1'2 FMN B . 6.25 -2.56 -1.57
H2' FMN B . 5.35 -0.67 -0.17
HO2' FMN B . 2.74 -1.28 -0.70
H3' FMN B . 3.94 0.26 -1.97
HO3' FMN B . 4.01 -1.80 -3.71
H4' FMN B . 5.94 -1.36 -3.49
HO4' FMN B . 7.22 0.66 -2.32
H5'1 FMN B . 4.78 0.41 -4.67
H5'2 FMN B . 6.50 0.76 -4.53
N1 ORO C . 8.49 -6.85 0.43
C2 ORO C . 7.83 -6.18 -0.72
O2 ORO C . 8.48 -5.40 -1.38
N3 ORO C . 6.51 -6.54 -0.88
C4 ORO C . 5.82 -7.44 -0.11
O4 ORO C . 4.64 -7.71 -0.34
C5 ORO C . 6.53 -8.08 1.05
C6 ORO C . 7.89 -7.67 1.22
C7 ORO C . 8.75 -8.39 2.39
O71 ORO C . 8.16 -8.52 3.45
O72 ORO C . 9.85 -8.74 1.94
S SO4 D . -21.66 -7.08 16.32
O1 SO4 D . -22.55 -6.04 15.82
O2 SO4 D . -22.31 -7.77 17.45
O3 SO4 D . -21.42 -8.05 15.24
O4 SO4 D . -20.40 -6.50 16.74
S SO4 E . 9.39 -17.31 -7.02
O1 SO4 E . 7.96 -17.01 -7.12
O2 SO4 E . 9.55 -18.63 -6.42
O3 SO4 E . 9.98 -17.29 -8.35
O4 SO4 E . 10.05 -16.31 -6.17
C ACT F . -13.67 -0.31 11.38
O ACT F . -13.35 0.47 12.29
OXT ACT F . -12.78 -1.13 11.02
CH3 ACT F . -15.04 -0.27 10.79
H1 ACT F . -15.14 -1.03 10.03
H2 ACT F . -15.22 0.72 10.34
H3 ACT F . -15.78 -0.44 11.57
C ACT G . 2.52 -3.81 22.14
O ACT G . 1.35 -3.50 21.78
OXT ACT G . 3.36 -2.89 22.10
CH3 ACT G . 2.87 -5.19 22.60
H1 ACT G . 3.92 -5.23 22.87
H2 ACT G . 2.67 -5.90 21.80
H3 ACT G . 2.26 -5.46 23.47
N1 LDA H . 15.15 10.65 -9.46
O1 LDA H . 16.10 10.33 -10.24
CM1 LDA H . 15.58 11.80 -8.53
CM2 LDA H . 14.87 9.58 -8.46
C1 LDA H . 13.73 11.03 -10.16
C2 LDA H . 13.13 9.81 -10.89
C3 LDA H . 12.86 9.97 -12.40
C4 LDA H . 13.49 8.79 -13.24
C5 LDA H . 12.47 7.81 -13.85
C6 LDA H . 12.79 6.34 -13.51
C7 LDA H . 12.29 5.37 -14.61
C8 LDA H . 12.49 3.86 -14.29
C9 LDA H . 12.49 2.90 -15.49
C10 LDA H . 12.04 3.49 -16.82
C11 LDA H . 11.47 2.47 -17.75
C12 LDA H . 10.46 3.14 -18.68
HM11 LDA H . 14.74 12.00 -7.86
HM12 LDA H . 15.81 12.69 -9.12
HM13 LDA H . 16.47 11.55 -7.93
HM21 LDA H . 15.78 9.44 -7.87
HM22 LDA H . 14.51 8.63 -8.90
HM23 LDA H . 14.09 9.95 -7.79
H11 LDA H . 13.93 11.90 -10.81
H12 LDA H . 13.08 11.43 -9.35
H21 LDA H . 12.22 9.54 -10.35
H22 LDA H . 13.82 8.97 -10.71
H31 LDA H . 13.28 10.93 -12.73
H32 LDA H . 11.78 10.02 -12.55
H41 LDA H . 14.19 8.23 -12.62
H42 LDA H . 14.08 9.22 -14.06
H51 LDA H . 12.45 7.94 -14.93
H52 LDA H . 11.48 8.05 -13.47
H61 LDA H . 12.34 6.08 -12.56
H62 LDA H . 13.87 6.22 -13.41
H71 LDA H . 11.23 5.56 -14.77
H72 LDA H . 12.79 5.60 -15.54
H81 LDA H . 11.74 3.52 -13.58
H82 LDA H . 13.45 3.78 -13.78
H91 LDA H . 11.82 2.06 -15.28
H92 LDA H . 13.49 2.47 -15.58
H101 LDA H . 11.27 4.26 -16.64
H102 LDA H . 12.87 3.99 -17.31
H111 LDA H . 10.96 1.65 -17.22
H112 LDA H . 12.27 2.03 -18.36
H121 LDA H . 9.93 2.44 -19.33
H122 LDA H . 10.90 3.91 -19.34
H123 LDA H . 9.68 3.68 -18.13
C ACT I . 3.87 -10.87 -22.45
O ACT I . 3.57 -10.22 -21.42
OXT ACT I . 3.96 -10.21 -23.51
CH3 ACT I . 4.09 -12.36 -22.42
H1 ACT I . 3.95 -12.73 -21.40
H2 ACT I . 5.09 -12.59 -22.76
H3 ACT I . 3.36 -12.84 -23.09
C13 B6U J . 11.81 7.94 7.60
C15 B6U J . 11.37 9.03 9.78
C17 B6U J . 13.48 7.82 9.35
C20 B6U J . 9.20 9.35 10.95
C21 B6U J . 8.36 10.03 11.83
C22 B6U J . 8.85 11.15 12.49
C24 B6U J . 10.96 10.91 11.36
C1 B6U J . 12.71 3.41 5.73
C2 B6U J . 13.90 3.15 5.02
C3 B6U J . 15.03 4.13 5.07
O4 B6U J . 16.07 3.94 4.46
C5 B6U J . 14.87 5.34 5.87
C6 B6U J . 13.69 5.59 6.58
C7 B6U J . 12.59 4.64 6.55
O8 B6U J . 11.57 4.89 7.18
N9 B6U J . 13.89 6.78 7.21
N10 B6U J . 15.16 7.24 6.88
N11 B6U J . 15.73 6.40 6.10
C12 B6U J . 13.06 7.51 8.05
C14 B6U J . 10.99 8.68 8.47
C16 B6U J . 12.63 8.56 10.16
F18 B6U J . 13.07 8.82 11.40
C19 B6U J . 10.51 9.77 10.69
C23 B6U J . 10.16 11.61 12.26
C25 B6U J . 10.66 12.84 12.97
O26 B6U J . 9.57 13.69 13.18
F27 B6U J . 8.72 8.25 10.34
F28 B6U J . 9.80 9.08 8.01
C29 B6U J . 13.99 1.97 4.26
C30 B6U J . 12.94 1.05 4.22
C31 B6U J . 11.78 1.31 4.93
C32 B6U J . 11.67 2.47 5.68
H131 B6U J . 11.47 7.71 6.59
H171 B6U J . 14.45 7.49 9.71
H211 B6U J . 7.34 9.69 12.02
H221 B6U J . 8.18 11.68 13.17
H241 B6U J . 11.98 11.24 11.18
H251 B6U J . 11.45 13.37 12.40
H252 B6U J . 11.16 12.61 13.94
H261 B6U J . 9.15 13.79 12.32
H291 B6U J . 14.86 1.69 3.68
H301 B6U J . 13.02 0.13 3.63
H311 B6U J . 10.96 0.57 4.87
H321 B6U J . 10.74 2.59 6.20
C ACT K . 22.82 -1.79 3.93
O ACT K . 22.06 -1.15 3.16
OXT ACT K . 24.00 -1.92 3.54
CH3 ACT K . 22.34 -2.37 5.23
C ACT L . 2.47 -16.28 -20.17
O ACT L . 1.98 -15.81 -21.21
OXT ACT L . 3.61 -16.79 -20.27
CH3 ACT L . 1.76 -16.23 -18.86
NA NA M . -12.72 -0.97 14.39
NA NA N . 1.42 -13.05 -21.86
NA NA O . -16.42 -3.14 7.80
#